data_8TN7
#
_entry.id   8TN7
#
_cell.length_a   91.095
_cell.length_b   91.095
_cell.length_c   202.254
_cell.angle_alpha   90.00
_cell.angle_beta   90.00
_cell.angle_gamma   120.00
#
_symmetry.space_group_name_H-M   'P 65 2 2'
#
loop_
_entity.id
_entity.type
_entity.pdbx_description
1 polymer 'TG10, heavy chain'
2 polymer 'TG10, Light chain'
3 branched 2-amino-2-deoxy-beta-D-glucopyranose-(1-6)-2-amino-2-deoxy-beta-D-glucopyranose
4 non-polymer 'SULFATE ION'
5 non-polymer 'CHLORIDE ION'
6 water water
#
loop_
_entity_poly.entity_id
_entity_poly.type
_entity_poly.pdbx_seq_one_letter_code
_entity_poly.pdbx_strand_id
1 'polypeptide(L)'
;EVQLVESGGGLVQPGGSLRLSCAVSGFPFSSYWMSWVRQAPGKGLEWVANIKEDGSEKYYVDSVKGRFTISRDNAKNSLY
LQMNSLRAEDTAVYYCATDPDVGLSDSWGQGTLVTVSSASTKGPSVFPLAPSSKSTSGGTAALGCLVKDYFPEPVTVSWN
SGALTSGVHTFPAVLQSSGLYSLSSVVTVPSSSLGTQTYICNVNHKPSNTKVDKKVEPKS
;
H
2 'polypeptide(L)'
;EIVLTQSPGTLSLSPGDRATHSCRASQSVSRSYLAWYQQKPGQTPRLFIYGASNRATGIPDRFSGSGSGTYFTLTISRLE
PEDFAVYYCQQYDSAPDTFGQGTRLEIKRTVAAPSVFIFPPSDEQLKSGTASVVCLLNNFYPREAKVQWKVDNALQSGNS
QESVTEQDSKDSTYSLSSTLTLSKADYEKHKVYACEVTHQGLSSPVTKSFNRGE
;
L
#
# COMPACT_ATOMS: atom_id res chain seq x y z
N GLU A 1 -2.25 -26.29 -2.08
CA GLU A 1 -1.57 -24.96 -2.21
C GLU A 1 -2.48 -24.02 -3.00
N VAL A 2 -3.14 -23.08 -2.30
CA VAL A 2 -4.18 -22.29 -2.97
C VAL A 2 -3.56 -21.10 -3.67
N GLN A 3 -3.93 -20.90 -4.95
CA GLN A 3 -3.41 -19.80 -5.71
C GLN A 3 -4.52 -19.24 -6.59
N LEU A 4 -4.62 -17.90 -6.66
CA LEU A 4 -5.52 -17.23 -7.58
C LEU A 4 -4.67 -16.22 -8.30
N VAL A 5 -4.49 -16.36 -9.62
CA VAL A 5 -3.58 -15.55 -10.38
C VAL A 5 -4.35 -14.73 -11.40
N GLU A 6 -4.33 -13.41 -11.22
CA GLU A 6 -5.00 -12.47 -12.10
C GLU A 6 -4.08 -12.00 -13.23
N SER A 7 -4.69 -11.76 -14.38
CA SER A 7 -4.07 -11.09 -15.50
C SER A 7 -5.09 -10.25 -16.26
N GLY A 8 -4.57 -9.42 -17.17
CA GLY A 8 -5.45 -8.67 -18.05
C GLY A 8 -5.69 -7.21 -17.68
N GLY A 9 -5.11 -6.73 -16.56
CA GLY A 9 -5.28 -5.34 -16.16
C GLY A 9 -4.34 -4.37 -16.85
N GLY A 10 -4.08 -3.24 -16.17
CA GLY A 10 -3.14 -2.23 -16.62
C GLY A 10 -3.81 -0.97 -17.10
N LEU A 11 -3.05 -0.18 -17.88
CA LEU A 11 -3.48 1.13 -18.34
C LEU A 11 -4.43 0.95 -19.50
N VAL A 12 -5.55 1.67 -19.48
CA VAL A 12 -6.54 1.60 -20.53
C VAL A 12 -7.13 2.98 -20.74
N GLN A 13 -7.36 3.30 -22.02
CA GLN A 13 -8.00 4.55 -22.45
C GLN A 13 -9.41 4.63 -21.85
N PRO A 14 -9.86 5.81 -21.39
CA PRO A 14 -11.27 6.05 -21.07
C PRO A 14 -12.12 5.70 -22.29
N GLY A 15 -13.21 4.99 -22.02
CA GLY A 15 -14.09 4.50 -23.08
C GLY A 15 -13.71 3.13 -23.59
N GLY A 16 -12.53 2.65 -23.16
CA GLY A 16 -12.04 1.36 -23.62
C GLY A 16 -12.54 0.19 -22.78
N SER A 17 -11.87 -0.95 -23.00
CA SER A 17 -12.27 -2.21 -22.39
C SER A 17 -11.04 -3.00 -21.96
N LEU A 18 -11.24 -3.85 -20.95
CA LEU A 18 -10.27 -4.83 -20.51
C LEU A 18 -10.97 -6.13 -20.24
N ARG A 19 -10.21 -7.21 -20.34
CA ARG A 19 -10.66 -8.55 -20.02
C ARG A 19 -9.81 -9.05 -18.88
N LEU A 20 -10.38 -9.17 -17.68
CA LEU A 20 -9.63 -9.70 -16.55
C LEU A 20 -9.85 -11.19 -16.45
N SER A 21 -8.74 -11.93 -16.19
CA SER A 21 -8.76 -13.37 -16.00
C SER A 21 -8.25 -13.69 -14.59
N CYS A 22 -8.69 -14.79 -14.02
CA CYS A 22 -8.23 -15.26 -12.74
C CYS A 22 -8.20 -16.81 -12.76
N ALA A 23 -6.98 -17.36 -12.71
CA ALA A 23 -6.75 -18.80 -12.73
C ALA A 23 -6.60 -19.31 -11.31
N VAL A 24 -7.49 -20.21 -10.91
CA VAL A 24 -7.60 -20.68 -9.53
C VAL A 24 -7.09 -22.11 -9.49
N SER A 25 -6.38 -22.42 -8.40
CA SER A 25 -5.99 -23.78 -8.10
C SER A 25 -6.01 -24.02 -6.58
N GLY A 26 -6.20 -25.28 -6.15
CA GLY A 26 -5.99 -25.61 -4.75
C GLY A 26 -7.27 -25.82 -3.97
N PHE A 27 -8.44 -25.58 -4.56
CA PHE A 27 -9.71 -25.94 -3.98
C PHE A 27 -10.70 -26.17 -5.12
N PRO A 28 -11.88 -26.76 -4.84
CA PRO A 28 -12.87 -27.07 -5.88
C PRO A 28 -13.64 -25.83 -6.29
N PHE A 29 -13.04 -25.13 -7.24
CA PHE A 29 -13.58 -23.91 -7.78
C PHE A 29 -15.06 -24.06 -8.12
N SER A 30 -15.45 -25.15 -8.84
CA SER A 30 -16.80 -25.31 -9.34
C SER A 30 -17.86 -25.51 -8.26
N SER A 31 -17.44 -25.66 -6.99
CA SER A 31 -18.38 -25.72 -5.89
C SER A 31 -18.77 -24.36 -5.34
N TYR A 32 -18.08 -23.27 -5.70
CA TYR A 32 -18.26 -22.03 -4.98
C TYR A 32 -18.68 -20.88 -5.87
N TRP A 33 -19.51 -20.03 -5.29
CA TRP A 33 -19.71 -18.69 -5.81
C TRP A 33 -18.35 -17.97 -5.84
N MET A 34 -18.20 -17.09 -6.82
CA MET A 34 -17.00 -16.29 -6.98
C MET A 34 -17.40 -14.85 -7.21
N SER A 35 -16.45 -13.92 -6.94
CA SER A 35 -16.74 -12.50 -7.03
C SER A 35 -15.53 -11.71 -7.52
N TRP A 36 -15.85 -10.49 -7.94
CA TRP A 36 -14.82 -9.48 -8.10
C TRP A 36 -15.07 -8.34 -7.13
N VAL A 37 -13.97 -7.83 -6.53
CA VAL A 37 -13.96 -6.76 -5.56
C VAL A 37 -12.90 -5.78 -6.01
N ARG A 38 -13.17 -4.49 -5.94
CA ARG A 38 -12.18 -3.50 -6.33
C ARG A 38 -11.90 -2.49 -5.23
N GLN A 39 -10.77 -1.82 -5.34
CA GLN A 39 -10.33 -0.82 -4.39
C GLN A 39 -9.64 0.34 -5.12
N ALA A 40 -10.33 1.46 -5.12
CA ALA A 40 -9.81 2.69 -5.71
C ALA A 40 -8.65 3.13 -4.84
N PRO A 41 -7.67 3.85 -5.42
CA PRO A 41 -6.52 4.28 -4.64
C PRO A 41 -6.92 5.07 -3.38
N GLY A 42 -6.42 4.61 -2.24
CA GLY A 42 -6.69 5.23 -0.95
C GLY A 42 -8.10 5.00 -0.39
N LYS A 43 -8.91 4.11 -1.02
CA LYS A 43 -10.29 3.95 -0.64
C LYS A 43 -10.50 2.51 -0.13
N GLY A 44 -11.73 2.25 0.27
CA GLY A 44 -12.08 0.94 0.83
C GLY A 44 -12.40 -0.10 -0.24
N LEU A 45 -12.68 -1.30 0.21
CA LEU A 45 -13.13 -2.36 -0.67
C LEU A 45 -14.55 -2.10 -1.14
N GLU A 46 -14.78 -2.44 -2.44
CA GLU A 46 -16.07 -2.26 -3.06
C GLU A 46 -16.41 -3.53 -3.83
N TRP A 47 -17.48 -4.21 -3.44
CA TRP A 47 -17.94 -5.37 -4.19
C TRP A 47 -18.48 -4.94 -5.56
N VAL A 48 -18.10 -5.70 -6.62
CA VAL A 48 -18.43 -5.34 -7.99
C VAL A 48 -19.48 -6.32 -8.60
N ALA A 49 -19.21 -7.61 -8.47
CA ALA A 49 -20.07 -8.62 -9.07
C ALA A 49 -19.80 -9.99 -8.48
N ASN A 50 -20.77 -10.87 -8.65
CA ASN A 50 -20.56 -12.27 -8.26
C ASN A 50 -21.36 -13.19 -9.18
N ILE A 51 -21.06 -14.47 -9.01
CA ILE A 51 -21.60 -15.53 -9.87
C ILE A 51 -21.71 -16.86 -9.13
N LYS A 52 -22.86 -17.54 -9.38
CA LYS A 52 -23.12 -18.85 -8.81
C LYS A 52 -22.11 -19.87 -9.32
N GLU A 53 -22.02 -20.99 -8.62
CA GLU A 53 -21.02 -22.01 -8.92
C GLU A 53 -21.18 -22.52 -10.37
N ASP A 54 -22.42 -22.60 -10.88
CA ASP A 54 -22.71 -23.09 -12.23
C ASP A 54 -22.90 -21.97 -13.24
N GLY A 55 -22.64 -20.70 -12.85
CA GLY A 55 -22.81 -19.59 -13.76
C GLY A 55 -24.22 -19.07 -13.93
N SER A 56 -25.25 -19.73 -13.34
CA SER A 56 -26.63 -19.49 -13.75
C SER A 56 -27.31 -18.29 -13.08
N GLU A 57 -26.67 -17.71 -12.03
CA GLU A 57 -27.14 -16.50 -11.35
C GLU A 57 -25.89 -15.62 -11.22
N LYS A 58 -26.04 -14.34 -11.52
CA LYS A 58 -25.01 -13.36 -11.23
C LYS A 58 -25.62 -12.03 -10.87
N TYR A 59 -24.86 -11.26 -10.07
CA TYR A 59 -25.32 -9.97 -9.60
C TYR A 59 -24.20 -8.95 -9.79
N TYR A 60 -24.60 -7.69 -9.92
CA TYR A 60 -23.68 -6.60 -10.18
C TYR A 60 -24.05 -5.38 -9.30
N VAL A 61 -23.04 -4.55 -9.01
CA VAL A 61 -23.31 -3.22 -8.51
C VAL A 61 -23.95 -2.40 -9.63
N ASP A 62 -24.88 -1.48 -9.34
CA ASP A 62 -25.66 -0.83 -10.36
C ASP A 62 -24.79 -0.03 -11.33
N SER A 63 -23.69 0.48 -10.78
CA SER A 63 -22.78 1.35 -11.54
C SER A 63 -22.04 0.62 -12.66
N VAL A 64 -22.15 -0.72 -12.69
CA VAL A 64 -21.51 -1.48 -13.76
C VAL A 64 -22.48 -2.31 -14.57
N LYS A 65 -23.78 -2.34 -14.21
CA LYS A 65 -24.74 -3.15 -14.93
C LYS A 65 -24.84 -2.77 -16.40
N GLY A 66 -24.80 -3.79 -17.24
CA GLY A 66 -24.85 -3.61 -18.68
C GLY A 66 -23.50 -3.35 -19.32
N ARG A 67 -22.45 -3.08 -18.54
CA ARG A 67 -21.15 -2.88 -19.18
C ARG A 67 -20.03 -3.79 -18.62
N PHE A 68 -20.26 -4.38 -17.46
CA PHE A 68 -19.35 -5.41 -16.98
C PHE A 68 -20.07 -6.74 -17.03
N THR A 69 -19.33 -7.81 -17.31
CA THR A 69 -19.93 -9.15 -17.29
C THR A 69 -18.98 -10.09 -16.56
N ILE A 70 -19.49 -10.75 -15.52
CA ILE A 70 -18.75 -11.78 -14.85
C ILE A 70 -19.11 -13.13 -15.48
N SER A 71 -18.07 -13.93 -15.71
CA SER A 71 -18.28 -15.29 -16.19
C SER A 71 -17.25 -16.22 -15.61
N ARG A 72 -17.44 -17.54 -15.83
CA ARG A 72 -16.49 -18.49 -15.36
C ARG A 72 -16.37 -19.63 -16.37
N ASP A 73 -15.22 -20.29 -16.30
CA ASP A 73 -14.89 -21.50 -17.03
C ASP A 73 -14.48 -22.55 -16.00
N ASN A 74 -15.45 -23.37 -15.60
CA ASN A 74 -15.21 -24.38 -14.55
C ASN A 74 -14.22 -25.41 -15.05
N ALA A 75 -14.19 -25.67 -16.36
CA ALA A 75 -13.24 -26.62 -16.90
C ALA A 75 -11.80 -26.16 -16.74
N LYS A 76 -11.54 -24.85 -16.84
CA LYS A 76 -10.21 -24.28 -16.73
C LYS A 76 -9.98 -23.68 -15.33
N ASN A 77 -10.92 -23.87 -14.40
CA ASN A 77 -10.89 -23.32 -13.05
C ASN A 77 -10.61 -21.82 -13.09
N SER A 78 -11.26 -21.08 -14.01
CA SER A 78 -10.98 -19.66 -14.21
C SER A 78 -12.24 -18.79 -14.14
N LEU A 79 -12.03 -17.58 -13.60
CA LEU A 79 -13.03 -16.52 -13.44
C LEU A 79 -12.63 -15.36 -14.33
N TYR A 80 -13.62 -14.63 -14.87
CA TYR A 80 -13.38 -13.54 -15.79
C TYR A 80 -14.25 -12.35 -15.44
N LEU A 81 -13.71 -11.15 -15.74
CA LEU A 81 -14.50 -9.93 -15.72
C LEU A 81 -14.25 -9.19 -17.02
N GLN A 82 -15.28 -9.07 -17.87
CA GLN A 82 -15.16 -8.32 -19.09
C GLN A 82 -15.69 -6.91 -18.79
N MET A 83 -14.83 -5.89 -18.96
CA MET A 83 -15.15 -4.54 -18.53
C MET A 83 -15.15 -3.62 -19.75
N ASN A 84 -16.29 -2.92 -19.98
CA ASN A 84 -16.45 -2.05 -21.11
C ASN A 84 -16.84 -0.63 -20.66
N SER A 85 -16.71 0.32 -21.59
CA SER A 85 -17.04 1.71 -21.41
C SER A 85 -16.37 2.27 -20.14
N LEU A 86 -15.07 2.01 -20.00
CA LEU A 86 -14.39 2.33 -18.77
C LEU A 86 -14.26 3.83 -18.53
N ARG A 87 -14.37 4.20 -17.27
CA ARG A 87 -14.31 5.57 -16.79
C ARG A 87 -13.32 5.71 -15.66
N ALA A 88 -12.92 6.95 -15.34
CA ALA A 88 -11.98 7.12 -14.24
C ALA A 88 -12.52 6.55 -12.93
N GLU A 89 -13.84 6.54 -12.73
CA GLU A 89 -14.47 5.96 -11.54
C GLU A 89 -14.14 4.46 -11.42
N ASP A 90 -13.66 3.83 -12.52
CA ASP A 90 -13.35 2.41 -12.52
C ASP A 90 -11.91 2.12 -12.17
N THR A 91 -11.08 3.17 -12.05
CA THR A 91 -9.69 3.01 -11.70
C THR A 91 -9.55 2.41 -10.31
N ALA A 92 -8.84 1.29 -10.19
CA ALA A 92 -8.84 0.54 -8.94
C ALA A 92 -7.95 -0.69 -9.13
N VAL A 93 -7.57 -1.30 -8.00
CA VAL A 93 -7.04 -2.65 -7.99
C VAL A 93 -8.24 -3.59 -7.97
N TYR A 94 -8.25 -4.54 -8.92
CA TYR A 94 -9.32 -5.52 -8.98
C TYR A 94 -8.81 -6.88 -8.46
N TYR A 95 -9.59 -7.44 -7.53
CA TYR A 95 -9.34 -8.73 -6.96
C TYR A 95 -10.43 -9.72 -7.34
N CYS A 96 -10.01 -10.93 -7.75
N CYS A 96 -9.97 -10.93 -7.68
CA CYS A 96 -10.96 -12.03 -7.73
CA CYS A 96 -10.78 -12.14 -7.76
C CYS A 96 -10.95 -12.60 -6.32
C CYS A 96 -10.91 -12.69 -6.35
N ALA A 97 -12.14 -12.92 -5.86
CA ALA A 97 -12.41 -13.21 -4.45
C ALA A 97 -13.39 -14.35 -4.40
N THR A 98 -13.02 -15.42 -3.73
CA THR A 98 -13.91 -16.54 -3.54
C THR A 98 -14.96 -16.24 -2.47
N ASP A 99 -16.13 -16.86 -2.62
CA ASP A 99 -17.16 -16.90 -1.60
CA ASP A 99 -17.17 -16.78 -1.62
C ASP A 99 -16.52 -17.17 -0.24
C ASP A 99 -16.63 -17.21 -0.21
N PRO A 100 -16.73 -16.30 0.79
CA PRO A 100 -16.09 -16.55 2.08
C PRO A 100 -16.46 -17.86 2.73
N ASP A 101 -17.56 -18.50 2.31
CA ASP A 101 -17.90 -19.82 2.79
C ASP A 101 -16.80 -20.85 2.49
C ASP A 101 -16.80 -20.85 2.49
N VAL A 102 -15.92 -20.59 1.54
CA VAL A 102 -14.81 -21.50 1.29
C VAL A 102 -13.90 -21.61 2.55
N GLY A 103 -13.83 -20.54 3.37
CA GLY A 103 -13.12 -20.61 4.64
C GLY A 103 -11.61 -20.63 4.56
N LEU A 104 -11.05 -20.21 3.41
CA LEU A 104 -9.62 -20.21 3.18
C LEU A 104 -9.07 -18.78 3.25
N SER A 105 -8.02 -18.56 4.05
CA SER A 105 -7.55 -17.20 4.26
C SER A 105 -7.01 -16.59 2.98
N ASP A 106 -6.36 -17.44 2.16
CA ASP A 106 -5.63 -17.04 0.99
C ASP A 106 -6.50 -17.24 -0.26
N SER A 107 -7.76 -16.84 -0.20
CA SER A 107 -8.74 -17.17 -1.23
C SER A 107 -9.04 -15.99 -2.19
N TRP A 108 -8.20 -14.93 -2.21
CA TRP A 108 -8.29 -13.84 -3.16
C TRP A 108 -7.01 -13.84 -3.99
N GLY A 109 -7.10 -13.32 -5.21
CA GLY A 109 -5.93 -13.16 -6.05
C GLY A 109 -5.11 -11.95 -5.64
N GLN A 110 -3.97 -11.81 -6.32
CA GLN A 110 -2.94 -10.84 -5.99
C GLN A 110 -3.34 -9.41 -6.35
N GLY A 111 -4.40 -9.27 -7.11
CA GLY A 111 -4.82 -7.94 -7.51
C GLY A 111 -4.16 -7.50 -8.81
N THR A 112 -4.92 -6.83 -9.68
CA THR A 112 -4.36 -6.19 -10.86
C THR A 112 -4.86 -4.76 -10.90
N LEU A 113 -3.93 -3.81 -11.02
CA LEU A 113 -4.30 -2.41 -11.11
C LEU A 113 -4.81 -2.05 -12.50
N VAL A 114 -6.01 -1.46 -12.54
CA VAL A 114 -6.62 -0.94 -13.73
C VAL A 114 -6.60 0.57 -13.58
N THR A 115 -5.85 1.23 -14.49
CA THR A 115 -5.77 2.68 -14.55
C THR A 115 -6.42 3.19 -15.84
N VAL A 116 -7.53 3.93 -15.67
CA VAL A 116 -8.30 4.45 -16.79
C VAL A 116 -7.87 5.90 -17.00
N SER A 117 -7.06 6.06 -18.03
CA SER A 117 -6.32 7.30 -18.30
C SER A 117 -5.89 7.33 -19.77
N SER A 118 -5.91 8.52 -20.40
CA SER A 118 -5.31 8.68 -21.72
C SER A 118 -3.80 9.01 -21.70
N ALA A 119 -3.09 9.00 -20.56
CA ALA A 119 -1.61 9.15 -20.54
C ALA A 119 -0.84 7.91 -21.01
N SER A 120 0.44 8.02 -21.53
CA SER A 120 1.22 6.85 -21.97
C SER A 120 2.09 6.26 -20.87
N THR A 121 2.33 4.91 -20.88
CA THR A 121 3.30 4.34 -19.95
C THR A 121 4.59 5.16 -20.11
N LYS A 122 5.27 5.32 -18.97
CA LYS A 122 6.47 6.13 -18.96
C LYS A 122 7.34 5.62 -17.84
N GLY A 123 8.59 5.32 -18.21
CA GLY A 123 9.47 4.60 -17.32
C GLY A 123 10.18 5.61 -16.41
N PRO A 124 10.62 5.15 -15.23
CA PRO A 124 11.27 6.08 -14.30
C PRO A 124 12.70 6.44 -14.64
N SER A 125 13.09 7.61 -14.15
CA SER A 125 14.47 7.99 -13.99
C SER A 125 14.91 7.57 -12.59
N VAL A 126 16.08 6.95 -12.48
CA VAL A 126 16.53 6.47 -11.20
C VAL A 126 17.82 7.20 -10.81
N PHE A 127 17.76 7.86 -9.66
CA PHE A 127 18.88 8.65 -9.16
C PHE A 127 19.32 8.08 -7.81
N PRO A 128 20.63 8.10 -7.51
CA PRO A 128 21.14 7.67 -6.22
C PRO A 128 20.87 8.69 -5.10
N LEU A 129 20.69 8.12 -3.91
CA LEU A 129 20.69 8.80 -2.64
C LEU A 129 21.92 8.26 -1.93
N ALA A 130 23.07 8.93 -2.18
CA ALA A 130 24.38 8.39 -1.78
C ALA A 130 24.58 8.53 -0.27
N PRO A 131 25.22 7.54 0.36
CA PRO A 131 25.57 7.68 1.77
C PRO A 131 26.71 8.68 1.93
N SER A 132 26.68 9.37 3.07
CA SER A 132 27.68 10.36 3.39
C SER A 132 27.72 10.49 4.89
N SER A 133 28.52 11.46 5.38
CA SER A 133 28.55 11.73 6.81
C SER A 133 27.16 12.16 7.32
N LYS A 134 26.35 12.74 6.43
CA LYS A 134 25.03 13.22 6.81
C LYS A 134 24.03 12.08 7.00
N SER A 135 24.32 10.89 6.44
CA SER A 135 23.41 9.74 6.59
C SER A 135 24.00 8.65 7.51
N THR A 136 25.11 8.94 8.22
CA THR A 136 25.98 7.93 8.84
C THR A 136 26.39 8.31 10.26
N SER A 137 26.05 7.40 11.19
CA SER A 137 26.56 7.45 12.56
C SER A 137 26.14 6.17 13.30
N GLY A 138 26.73 5.97 14.47
CA GLY A 138 26.44 4.77 15.22
C GLY A 138 26.76 3.50 14.44
N GLY A 139 27.63 3.63 13.43
CA GLY A 139 28.15 2.44 12.79
C GLY A 139 27.28 2.01 11.62
N THR A 140 26.28 2.85 11.27
CA THR A 140 25.34 2.52 10.20
C THR A 140 25.17 3.73 9.29
N ALA A 141 24.95 3.42 8.00
CA ALA A 141 24.75 4.43 6.99
C ALA A 141 23.44 4.11 6.25
N ALA A 142 22.73 5.20 5.94
CA ALA A 142 21.55 5.16 5.09
C ALA A 142 21.91 5.57 3.67
N LEU A 143 21.35 4.84 2.69
CA LEU A 143 21.47 5.18 1.29
C LEU A 143 20.20 4.74 0.57
N GLY A 144 20.08 5.07 -0.71
CA GLY A 144 18.85 4.74 -1.39
C GLY A 144 18.84 5.10 -2.87
N CYS A 145 17.64 5.04 -3.47
CA CYS A 145 17.38 5.33 -4.87
C CYS A 145 16.06 6.10 -4.95
N LEU A 146 16.09 7.23 -5.64
CA LEU A 146 14.94 8.02 -5.98
C LEU A 146 14.48 7.52 -7.34
N VAL A 147 13.22 7.05 -7.39
CA VAL A 147 12.61 6.56 -8.61
C VAL A 147 11.56 7.55 -9.10
N LYS A 148 11.93 8.37 -10.07
CA LYS A 148 11.16 9.58 -10.33
C LYS A 148 10.51 9.50 -11.71
N ASP A 149 9.31 10.09 -11.78
CA ASP A 149 8.62 10.44 -13.02
C ASP A 149 8.25 9.20 -13.85
N TYR A 150 7.38 8.36 -13.28
CA TYR A 150 6.88 7.22 -14.04
C TYR A 150 5.34 7.22 -14.01
N PHE A 151 4.76 6.55 -15.02
CA PHE A 151 3.32 6.37 -15.09
C PHE A 151 3.00 5.14 -15.94
N PRO A 152 2.00 4.29 -15.61
CA PRO A 152 1.28 4.30 -14.34
C PRO A 152 2.04 3.57 -13.25
N GLU A 153 1.42 3.42 -12.09
CA GLU A 153 1.84 2.46 -11.11
C GLU A 153 1.69 1.07 -11.71
N PRO A 154 2.37 0.03 -11.19
CA PRO A 154 3.41 0.14 -10.15
C PRO A 154 4.86 -0.05 -10.58
N VAL A 155 5.79 0.23 -9.65
CA VAL A 155 7.20 -0.16 -9.80
C VAL A 155 7.54 -1.12 -8.66
N THR A 156 8.52 -1.98 -8.88
CA THR A 156 9.12 -2.74 -7.79
C THR A 156 10.59 -2.33 -7.70
N VAL A 157 11.04 -2.35 -6.46
CA VAL A 157 12.43 -2.08 -6.14
C VAL A 157 12.96 -3.22 -5.27
N SER A 158 14.14 -3.68 -5.68
CA SER A 158 14.92 -4.62 -4.91
C SER A 158 16.33 -4.05 -4.75
N TRP A 159 17.08 -4.68 -3.86
CA TRP A 159 18.48 -4.32 -3.59
C TRP A 159 19.36 -5.56 -3.76
N ASN A 160 20.43 -5.36 -4.52
CA ASN A 160 21.43 -6.39 -4.74
C ASN A 160 20.72 -7.65 -5.24
N SER A 161 19.80 -7.45 -6.20
CA SER A 161 19.10 -8.55 -6.85
C SER A 161 18.35 -9.40 -5.84
N GLY A 162 17.87 -8.77 -4.77
CA GLY A 162 17.08 -9.47 -3.76
C GLY A 162 17.92 -10.02 -2.60
N ALA A 163 19.25 -9.93 -2.69
CA ALA A 163 20.13 -10.41 -1.63
C ALA A 163 20.08 -9.52 -0.39
N LEU A 164 19.71 -8.26 -0.55
CA LEU A 164 19.67 -7.34 0.58
C LEU A 164 18.21 -6.99 0.83
N THR A 165 17.72 -7.38 2.02
CA THR A 165 16.35 -7.16 2.43
C THR A 165 16.29 -6.48 3.80
N SER A 166 17.19 -6.76 4.75
CA SER A 166 16.96 -6.17 6.05
C SER A 166 17.32 -4.69 5.99
N GLY A 167 16.56 -3.88 6.74
CA GLY A 167 16.80 -2.45 6.83
C GLY A 167 16.30 -1.66 5.63
N VAL A 168 15.52 -2.28 4.75
CA VAL A 168 15.00 -1.63 3.57
C VAL A 168 13.64 -1.01 3.88
N HIS A 169 13.43 0.22 3.39
CA HIS A 169 12.15 0.91 3.40
C HIS A 169 11.90 1.44 2.01
N THR A 170 10.90 0.87 1.35
CA THR A 170 10.46 1.36 0.07
C THR A 170 9.13 2.08 0.28
N PHE A 171 9.14 3.38 0.03
CA PHE A 171 8.04 4.26 0.36
C PHE A 171 6.93 4.08 -0.65
N PRO A 172 5.68 4.29 -0.22
CA PRO A 172 4.59 4.45 -1.16
C PRO A 172 4.86 5.59 -2.14
N ALA A 173 4.44 5.37 -3.40
CA ALA A 173 4.55 6.39 -4.42
C ALA A 173 3.66 7.59 -4.07
N VAL A 174 4.11 8.76 -4.48
CA VAL A 174 3.33 9.98 -4.43
C VAL A 174 3.07 10.39 -5.88
N LEU A 175 1.86 10.86 -6.11
CA LEU A 175 1.50 11.41 -7.41
C LEU A 175 1.84 12.89 -7.39
N GLN A 176 2.76 13.29 -8.27
CA GLN A 176 3.18 14.67 -8.42
C GLN A 176 2.11 15.42 -9.21
N SER A 177 2.16 16.77 -9.17
CA SER A 177 1.24 17.60 -9.93
C SER A 177 1.38 17.36 -11.42
N SER A 178 2.53 16.84 -11.83
CA SER A 178 2.77 16.55 -13.24
C SER A 178 1.87 15.40 -13.71
N GLY A 179 1.29 14.64 -12.78
CA GLY A 179 0.56 13.44 -13.16
C GLY A 179 1.46 12.19 -13.26
N LEU A 180 2.75 12.33 -12.89
CA LEU A 180 3.67 11.21 -12.79
C LEU A 180 3.94 10.89 -11.33
N TYR A 181 4.27 9.62 -11.07
CA TYR A 181 4.56 9.15 -9.74
C TYR A 181 6.05 9.27 -9.44
N SER A 182 6.38 9.30 -8.15
CA SER A 182 7.74 9.22 -7.69
C SER A 182 7.78 8.46 -6.36
N LEU A 183 8.89 7.75 -6.12
CA LEU A 183 9.01 6.98 -4.91
C LEU A 183 10.48 6.95 -4.53
N SER A 184 10.82 6.82 -3.24
CA SER A 184 12.19 6.53 -2.85
C SER A 184 12.22 5.16 -2.17
N SER A 185 13.38 4.49 -2.25
CA SER A 185 13.67 3.28 -1.52
C SER A 185 15.03 3.51 -0.83
N VAL A 186 15.06 3.22 0.46
CA VAL A 186 16.25 3.45 1.28
C VAL A 186 16.61 2.19 2.05
N VAL A 187 17.91 2.05 2.37
CA VAL A 187 18.36 0.91 3.15
C VAL A 187 19.43 1.41 4.11
N THR A 188 19.47 0.83 5.31
CA THR A 188 20.53 1.11 6.28
C THR A 188 21.45 -0.09 6.33
N VAL A 189 22.76 0.20 6.26
CA VAL A 189 23.79 -0.81 6.20
C VAL A 189 24.92 -0.47 7.16
N PRO A 190 25.81 -1.44 7.45
CA PRO A 190 27.00 -1.14 8.26
C PRO A 190 27.88 -0.12 7.55
N SER A 191 28.31 0.92 8.29
CA SER A 191 29.18 1.91 7.68
C SER A 191 30.52 1.27 7.32
N SER A 192 30.92 0.24 8.04
CA SER A 192 32.15 -0.46 7.69
C SER A 192 32.08 -1.16 6.31
N SER A 193 30.86 -1.41 5.78
CA SER A 193 30.72 -2.12 4.51
C SER A 193 30.87 -1.18 3.31
N LEU A 194 30.84 0.13 3.56
CA LEU A 194 30.77 1.07 2.44
C LEU A 194 31.94 0.97 1.46
N GLY A 195 33.17 0.73 1.94
CA GLY A 195 34.28 0.56 1.00
C GLY A 195 34.18 -0.70 0.13
N THR A 196 33.51 -1.71 0.67
CA THR A 196 33.75 -3.09 0.33
C THR A 196 32.55 -3.67 -0.43
N GLN A 197 31.35 -3.38 0.07
CA GLN A 197 30.16 -3.99 -0.50
C GLN A 197 29.55 -3.04 -1.51
N THR A 198 29.16 -3.59 -2.67
CA THR A 198 28.49 -2.79 -3.68
C THR A 198 26.98 -2.81 -3.40
N TYR A 199 26.38 -1.63 -3.56
CA TYR A 199 24.94 -1.47 -3.36
C TYR A 199 24.29 -0.99 -4.65
N ILE A 200 23.36 -1.85 -5.14
CA ILE A 200 22.63 -1.58 -6.37
C ILE A 200 21.13 -1.70 -6.12
N CYS A 201 20.39 -0.67 -6.53
CA CYS A 201 18.94 -0.81 -6.56
C CYS A 201 18.49 -1.29 -7.94
N ASN A 202 17.59 -2.28 -7.94
CA ASN A 202 17.05 -2.89 -9.14
C ASN A 202 15.59 -2.45 -9.23
N VAL A 203 15.32 -1.62 -10.26
CA VAL A 203 14.00 -1.02 -10.45
C VAL A 203 13.37 -1.66 -11.68
N ASN A 204 12.12 -2.16 -11.49
CA ASN A 204 11.35 -2.77 -12.57
C ASN A 204 10.01 -2.04 -12.68
N HIS A 205 9.80 -1.38 -13.81
CA HIS A 205 8.49 -0.78 -14.14
C HIS A 205 7.89 -1.61 -15.30
N LYS A 206 7.16 -2.68 -14.93
CA LYS A 206 6.60 -3.62 -15.89
C LYS A 206 5.77 -2.87 -16.93
N PRO A 207 4.92 -1.89 -16.55
CA PRO A 207 4.06 -1.25 -17.56
C PRO A 207 4.80 -0.65 -18.76
N SER A 208 6.03 -0.18 -18.53
CA SER A 208 6.84 0.32 -19.62
C SER A 208 7.93 -0.67 -20.04
N ASN A 209 7.92 -1.87 -19.49
CA ASN A 209 9.00 -2.83 -19.69
C ASN A 209 10.37 -2.18 -19.50
N THR A 210 10.48 -1.33 -18.46
CA THR A 210 11.72 -0.66 -18.09
C THR A 210 12.34 -1.39 -16.89
N LYS A 211 13.64 -1.69 -17.01
CA LYS A 211 14.44 -2.22 -15.92
C LYS A 211 15.71 -1.38 -15.81
N VAL A 212 15.98 -0.90 -14.59
CA VAL A 212 17.15 -0.07 -14.36
C VAL A 212 17.86 -0.64 -13.14
N ASP A 213 19.17 -0.82 -13.23
CA ASP A 213 19.98 -1.10 -12.07
C ASP A 213 20.89 0.10 -11.85
N LYS A 214 20.86 0.66 -10.64
CA LYS A 214 21.63 1.83 -10.32
C LYS A 214 22.53 1.50 -9.14
N LYS A 215 23.85 1.61 -9.36
CA LYS A 215 24.81 1.42 -8.27
C LYS A 215 24.87 2.71 -7.47
N VAL A 216 24.86 2.63 -6.13
CA VAL A 216 24.84 3.80 -5.27
C VAL A 216 26.19 3.86 -4.55
N GLU A 217 26.96 4.88 -4.89
CA GLU A 217 28.38 4.99 -4.53
C GLU A 217 28.51 5.96 -3.36
N PRO A 218 29.41 5.69 -2.40
CA PRO A 218 29.56 6.56 -1.24
C PRO A 218 30.20 7.90 -1.59
N LYS A 219 29.81 8.93 -0.85
CA LYS A 219 30.52 10.19 -0.80
C LYS A 219 31.60 10.19 0.31
N SER A 220 32.71 10.90 0.02
CA SER A 220 33.75 11.21 1.00
C SER A 220 33.24 12.07 2.16
N GLU B 1 -30.06 -2.51 -0.70
CA GLU B 1 -28.65 -2.64 -0.27
C GLU B 1 -28.62 -2.69 1.25
N ILE B 2 -27.91 -3.69 1.82
CA ILE B 2 -27.62 -3.72 3.24
C ILE B 2 -26.40 -2.85 3.48
N VAL B 3 -26.55 -1.80 4.30
CA VAL B 3 -25.43 -0.95 4.58
C VAL B 3 -24.73 -1.43 5.85
N LEU B 4 -23.41 -1.64 5.77
CA LEU B 4 -22.63 -2.01 6.94
C LEU B 4 -21.82 -0.81 7.38
N THR B 5 -21.99 -0.49 8.68
CA THR B 5 -21.30 0.62 9.32
C THR B 5 -20.35 0.06 10.38
N GLN B 6 -19.05 0.31 10.17
CA GLN B 6 -18.03 -0.13 11.10
C GLN B 6 -17.67 1.00 12.05
N SER B 7 -17.36 0.59 13.27
CA SER B 7 -16.90 1.47 14.34
CA SER B 7 -16.82 1.49 14.27
CA SER B 7 -16.90 1.46 14.35
C SER B 7 -15.83 0.72 15.12
N PRO B 8 -14.78 1.38 15.64
CA PRO B 8 -14.42 2.78 15.37
C PRO B 8 -13.80 2.83 13.97
N GLY B 9 -13.61 4.03 13.43
CA GLY B 9 -12.94 4.14 12.16
C GLY B 9 -11.44 3.87 12.31
N THR B 10 -10.88 4.30 13.45
CA THR B 10 -9.49 4.09 13.74
C THR B 10 -9.34 3.66 15.20
N LEU B 11 -8.33 2.82 15.44
CA LEU B 11 -8.10 2.22 16.76
C LEU B 11 -6.61 2.04 16.92
N SER B 12 -6.06 2.48 18.08
CA SER B 12 -4.66 2.34 18.39
C SER B 12 -4.52 1.69 19.76
N LEU B 13 -3.93 0.50 19.80
CA LEU B 13 -3.84 -0.33 21.02
C LEU B 13 -2.49 -1.04 21.04
N SER B 14 -2.00 -1.36 22.25
CA SER B 14 -0.69 -1.95 22.46
C SER B 14 -0.70 -3.45 22.40
N PRO B 15 0.46 -4.11 22.15
CA PRO B 15 0.51 -5.56 22.30
C PRO B 15 -0.05 -5.96 23.66
N GLY B 16 -0.86 -7.03 23.66
CA GLY B 16 -1.46 -7.56 24.88
C GLY B 16 -2.87 -7.02 25.10
N ASP B 17 -3.17 -5.87 24.54
CA ASP B 17 -4.50 -5.30 24.66
C ASP B 17 -5.52 -6.10 23.86
N ARG B 18 -6.78 -6.05 24.26
CA ARG B 18 -7.89 -6.68 23.56
C ARG B 18 -8.52 -5.64 22.63
N ALA B 19 -8.59 -5.96 21.33
CA ALA B 19 -9.17 -5.08 20.34
C ALA B 19 -10.56 -5.56 19.93
N THR B 20 -11.53 -4.66 19.88
CA THR B 20 -12.89 -4.93 19.47
C THR B 20 -13.25 -4.01 18.29
N HIS B 21 -13.70 -4.68 17.21
CA HIS B 21 -14.11 -4.06 15.97
C HIS B 21 -15.58 -4.37 15.73
N SER B 22 -16.41 -3.34 15.63
CA SER B 22 -17.85 -3.51 15.46
C SER B 22 -18.31 -3.31 14.01
N CYS B 23 -19.37 -4.03 13.63
CA CYS B 23 -19.99 -3.97 12.31
C CYS B 23 -21.50 -4.00 12.52
N ARG B 24 -22.19 -2.91 12.18
CA ARG B 24 -23.63 -2.81 12.32
C ARG B 24 -24.23 -2.89 10.92
N ALA B 25 -25.35 -3.61 10.78
CA ALA B 25 -26.05 -3.69 9.50
C ALA B 25 -27.41 -2.95 9.52
N SER B 26 -27.78 -2.41 8.36
CA SER B 26 -29.01 -1.60 8.27
C SER B 26 -30.24 -2.49 8.27
N GLN B 27 -30.07 -3.76 7.99
CA GLN B 27 -31.10 -4.75 8.19
C GLN B 27 -30.43 -6.04 8.59
N SER B 28 -31.23 -7.04 9.01
CA SER B 28 -30.72 -8.28 9.54
CA SER B 28 -30.68 -8.26 9.55
C SER B 28 -29.98 -9.06 8.46
N VAL B 29 -28.80 -9.58 8.84
CA VAL B 29 -28.00 -10.46 8.02
C VAL B 29 -28.26 -11.90 8.45
N SER B 30 -28.93 -12.63 7.56
CA SER B 30 -29.40 -14.01 7.79
C SER B 30 -28.23 -14.95 7.60
N ARG B 31 -28.35 -16.11 8.25
CA ARG B 31 -27.49 -17.27 8.07
C ARG B 31 -26.08 -16.93 8.56
N SER B 32 -25.99 -15.83 9.35
CA SER B 32 -24.71 -15.38 9.84
C SER B 32 -23.67 -15.33 8.72
N TYR B 33 -24.07 -14.97 7.47
CA TYR B 33 -23.22 -14.83 6.29
C TYR B 33 -22.52 -13.46 6.37
N LEU B 34 -21.63 -13.40 7.36
CA LEU B 34 -20.87 -12.20 7.70
C LEU B 34 -19.41 -12.61 7.81
N ALA B 35 -18.53 -11.94 7.04
CA ALA B 35 -17.12 -12.23 6.99
C ALA B 35 -16.32 -11.03 7.47
N TRP B 36 -15.11 -11.32 7.92
CA TRP B 36 -14.11 -10.30 8.26
C TRP B 36 -12.85 -10.59 7.51
N TYR B 37 -12.23 -9.53 7.00
CA TYR B 37 -10.96 -9.57 6.31
C TYR B 37 -9.94 -8.66 6.97
N GLN B 38 -8.68 -9.07 6.89
CA GLN B 38 -7.52 -8.26 7.25
C GLN B 38 -6.82 -7.79 5.98
N GLN B 39 -6.65 -6.47 5.83
CA GLN B 39 -5.85 -5.96 4.74
C GLN B 39 -4.70 -5.10 5.24
N LYS B 40 -3.48 -5.51 4.85
CA LYS B 40 -2.28 -4.73 5.08
C LYS B 40 -2.01 -3.83 3.89
N PRO B 41 -1.22 -2.73 4.06
CA PRO B 41 -1.17 -1.70 3.04
C PRO B 41 -0.62 -2.25 1.75
N GLY B 42 -1.36 -2.03 0.65
CA GLY B 42 -0.88 -2.45 -0.66
C GLY B 42 -0.85 -3.97 -0.91
N GLN B 43 -1.58 -4.74 -0.12
CA GLN B 43 -1.57 -6.21 -0.18
C GLN B 43 -3.00 -6.70 -0.33
N THR B 44 -3.17 -7.94 -0.84
CA THR B 44 -4.47 -8.53 -0.98
C THR B 44 -5.08 -8.75 0.40
N PRO B 45 -6.36 -8.45 0.56
CA PRO B 45 -7.09 -8.84 1.77
C PRO B 45 -7.04 -10.36 1.99
N ARG B 46 -6.91 -10.75 3.28
CA ARG B 46 -7.01 -12.13 3.71
C ARG B 46 -8.33 -12.32 4.46
N LEU B 47 -9.01 -13.42 4.13
CA LEU B 47 -10.19 -13.79 4.89
C LEU B 47 -9.78 -14.31 6.27
N PHE B 48 -10.36 -13.71 7.32
CA PHE B 48 -10.07 -14.08 8.68
C PHE B 48 -11.20 -14.88 9.34
N ILE B 49 -12.40 -14.36 9.26
CA ILE B 49 -13.62 -14.92 9.85
C ILE B 49 -14.64 -15.10 8.74
N TYR B 50 -15.39 -16.23 8.74
CA TYR B 50 -16.53 -16.42 7.86
C TYR B 50 -17.66 -17.00 8.72
N GLY B 51 -18.88 -16.84 8.24
CA GLY B 51 -20.06 -17.33 8.94
C GLY B 51 -20.14 -16.79 10.37
N ALA B 52 -19.73 -15.51 10.52
CA ALA B 52 -19.72 -14.70 11.74
C ALA B 52 -18.67 -15.13 12.77
N SER B 53 -18.42 -16.45 12.94
CA SER B 53 -17.59 -16.90 14.06
C SER B 53 -16.57 -17.96 13.68
N ASN B 54 -16.47 -18.37 12.37
CA ASN B 54 -15.53 -19.42 11.99
C ASN B 54 -14.18 -18.84 11.58
N ARG B 55 -13.07 -19.38 12.12
CA ARG B 55 -11.76 -18.95 11.69
C ARG B 55 -11.45 -19.57 10.34
N ALA B 56 -10.88 -18.76 9.44
CA ALA B 56 -10.37 -19.27 8.18
C ALA B 56 -9.09 -20.07 8.40
N THR B 57 -8.63 -20.77 7.36
CA THR B 57 -7.36 -21.48 7.44
C THR B 57 -6.20 -20.56 7.79
N GLY B 58 -5.37 -21.03 8.72
CA GLY B 58 -4.13 -20.35 9.07
C GLY B 58 -4.30 -19.14 10.00
N ILE B 59 -5.49 -18.97 10.56
CA ILE B 59 -5.79 -17.82 11.41
C ILE B 59 -5.60 -18.23 12.87
N PRO B 60 -4.79 -17.46 13.63
CA PRO B 60 -4.50 -17.84 15.01
C PRO B 60 -5.70 -17.68 15.94
N ASP B 61 -5.63 -18.38 17.09
CA ASP B 61 -6.70 -18.45 18.07
C ASP B 61 -7.08 -17.07 18.62
N ARG B 62 -6.14 -16.10 18.63
CA ARG B 62 -6.47 -14.78 19.21
C ARG B 62 -7.52 -14.03 18.43
N PHE B 63 -7.75 -14.41 17.19
CA PHE B 63 -8.80 -13.81 16.38
C PHE B 63 -10.11 -14.58 16.54
N SER B 64 -11.18 -13.87 16.86
CA SER B 64 -12.47 -14.47 16.97
C SER B 64 -13.55 -13.50 16.51
N GLY B 65 -14.66 -14.10 16.05
CA GLY B 65 -15.82 -13.32 15.64
C GLY B 65 -17.09 -13.75 16.37
N SER B 66 -18.02 -12.82 16.54
CA SER B 66 -19.31 -13.11 17.16
C SER B 66 -20.39 -12.22 16.57
N GLY B 67 -21.67 -12.55 16.89
CA GLY B 67 -22.76 -11.69 16.48
C GLY B 67 -23.85 -12.40 15.69
N SER B 68 -24.95 -11.67 15.47
CA SER B 68 -26.06 -12.08 14.64
C SER B 68 -26.94 -10.87 14.40
N GLY B 69 -27.87 -10.99 13.44
CA GLY B 69 -28.84 -9.95 13.19
C GLY B 69 -28.20 -8.73 12.56
N THR B 70 -28.05 -7.68 13.38
CA THR B 70 -27.60 -6.39 12.93
C THR B 70 -26.29 -5.97 13.62
N TYR B 71 -25.74 -6.80 14.52
CA TYR B 71 -24.56 -6.38 15.25
C TYR B 71 -23.56 -7.53 15.32
N PHE B 72 -22.35 -7.26 14.84
CA PHE B 72 -21.26 -8.21 14.79
C PHE B 72 -19.96 -7.58 15.27
N THR B 73 -19.08 -8.42 15.82
CA THR B 73 -17.75 -7.97 16.23
C THR B 73 -16.68 -8.98 15.78
N LEU B 74 -15.48 -8.40 15.59
CA LEU B 74 -14.22 -9.09 15.45
C LEU B 74 -13.36 -8.69 16.64
N THR B 75 -12.90 -9.71 17.38
CA THR B 75 -12.03 -9.54 18.51
C THR B 75 -10.62 -10.02 18.23
N ILE B 76 -9.63 -9.24 18.65
CA ILE B 76 -8.27 -9.74 18.79
C ILE B 76 -8.00 -9.77 20.29
N SER B 77 -7.95 -11.00 20.88
CA SER B 77 -8.00 -11.12 22.34
C SER B 77 -6.74 -10.57 23.00
N ARG B 78 -5.59 -10.70 22.34
CA ARG B 78 -4.29 -10.31 22.87
C ARG B 78 -3.45 -9.89 21.67
N LEU B 79 -3.30 -8.55 21.45
CA LEU B 79 -2.69 -8.06 20.22
C LEU B 79 -1.23 -8.46 20.17
N GLU B 80 -0.82 -8.73 18.93
CA GLU B 80 0.57 -8.94 18.60
C GLU B 80 0.98 -7.81 17.65
N PRO B 81 2.30 -7.47 17.58
CA PRO B 81 2.70 -6.34 16.74
C PRO B 81 2.41 -6.53 15.25
N GLU B 82 2.33 -7.78 14.81
CA GLU B 82 2.01 -8.07 13.41
C GLU B 82 0.51 -7.90 13.06
N ASP B 83 -0.34 -7.47 14.00
CA ASP B 83 -1.78 -7.40 13.79
C ASP B 83 -2.30 -6.05 13.29
N PHE B 84 -1.42 -5.07 13.02
CA PHE B 84 -1.91 -3.83 12.40
C PHE B 84 -2.46 -4.14 11.01
N ALA B 85 -3.53 -3.45 10.65
CA ALA B 85 -4.22 -3.66 9.40
C ALA B 85 -5.44 -2.76 9.34
N VAL B 86 -6.08 -2.72 8.17
CA VAL B 86 -7.47 -2.32 8.09
C VAL B 86 -8.31 -3.60 8.08
N TYR B 87 -9.28 -3.66 9.00
CA TYR B 87 -10.19 -4.79 9.09
C TYR B 87 -11.54 -4.39 8.51
N TYR B 88 -12.04 -5.21 7.55
CA TYR B 88 -13.30 -4.97 6.88
C TYR B 88 -14.27 -6.08 7.21
N CYS B 89 -15.52 -5.73 7.48
CA CYS B 89 -16.60 -6.71 7.51
C CYS B 89 -17.29 -6.72 6.12
N GLN B 90 -17.94 -7.84 5.79
CA GLN B 90 -18.69 -7.98 4.54
C GLN B 90 -19.88 -8.90 4.79
N GLN B 91 -21.04 -8.53 4.29
CA GLN B 91 -22.14 -9.49 4.30
C GLN B 91 -22.27 -10.13 2.91
N TYR B 92 -22.54 -11.45 2.93
CA TYR B 92 -22.71 -12.22 1.69
C TYR B 92 -24.02 -13.01 1.77
N ASP B 93 -25.01 -12.42 2.44
CA ASP B 93 -26.35 -12.99 2.55
C ASP B 93 -27.16 -12.65 1.30
N SER B 94 -27.08 -11.38 0.89
CA SER B 94 -27.98 -10.80 -0.10
C SER B 94 -27.24 -9.81 -0.99
N ALA B 95 -27.15 -10.04 -2.32
CA ALA B 95 -26.41 -9.11 -3.17
C ALA B 95 -27.06 -7.74 -3.20
N PRO B 96 -26.32 -6.63 -3.35
CA PRO B 96 -24.85 -6.60 -3.40
C PRO B 96 -24.18 -7.03 -2.08
N ASP B 97 -23.10 -7.81 -2.19
CA ASP B 97 -22.41 -8.37 -1.03
C ASP B 97 -21.49 -7.32 -0.39
N THR B 98 -22.12 -6.38 0.33
CA THR B 98 -21.51 -5.12 0.71
C THR B 98 -20.45 -5.26 1.79
N PHE B 99 -19.45 -4.38 1.70
CA PHE B 99 -18.42 -4.20 2.71
C PHE B 99 -18.74 -2.99 3.60
N GLY B 100 -18.30 -3.10 4.84
CA GLY B 100 -18.13 -1.92 5.65
C GLY B 100 -16.97 -1.07 5.16
N GLN B 101 -16.78 0.07 5.84
CA GLN B 101 -15.82 1.05 5.41
C GLN B 101 -14.43 0.82 6.00
N GLY B 102 -14.29 -0.15 6.89
CA GLY B 102 -13.03 -0.54 7.49
C GLY B 102 -12.75 0.16 8.81
N THR B 103 -12.02 -0.55 9.68
CA THR B 103 -11.41 0.01 10.88
C THR B 103 -9.91 -0.15 10.73
N ARG B 104 -9.21 0.98 10.79
CA ARG B 104 -7.75 0.95 10.75
C ARG B 104 -7.24 0.78 12.17
N LEU B 105 -6.59 -0.39 12.41
CA LEU B 105 -5.96 -0.70 13.68
C LEU B 105 -4.46 -0.50 13.52
N GLU B 106 -3.90 0.37 14.38
CA GLU B 106 -2.49 0.58 14.55
C GLU B 106 -2.04 -0.03 15.86
N ILE B 107 -0.80 -0.53 15.88
CA ILE B 107 -0.19 -1.05 17.09
C ILE B 107 0.53 0.09 17.79
N LYS B 108 0.07 0.41 18.98
CA LYS B 108 0.70 1.42 19.84
C LYS B 108 1.98 0.85 20.42
N ARG B 109 3.02 1.70 20.44
CA ARG B 109 4.23 1.43 21.20
C ARG B 109 4.65 2.70 21.92
N THR B 110 5.68 2.56 22.77
CA THR B 110 6.20 3.72 23.47
C THR B 110 6.90 4.66 22.49
N VAL B 111 6.99 5.92 22.92
CA VAL B 111 7.48 6.96 22.01
C VAL B 111 8.87 6.59 21.49
N ALA B 112 9.10 6.86 20.20
CA ALA B 112 10.38 6.57 19.56
C ALA B 112 10.74 7.69 18.59
N ALA B 113 11.84 8.40 18.90
CA ALA B 113 12.18 9.55 18.10
C ALA B 113 12.76 9.13 16.76
N PRO B 114 12.57 9.95 15.69
CA PRO B 114 13.21 9.63 14.40
C PRO B 114 14.71 9.94 14.34
N SER B 115 15.41 9.12 13.57
CA SER B 115 16.71 9.49 13.03
C SER B 115 16.47 10.26 11.75
N VAL B 116 17.14 11.42 11.61
CA VAL B 116 16.91 12.27 10.45
C VAL B 116 18.17 12.35 9.59
N PHE B 117 17.97 12.19 8.30
CA PHE B 117 19.06 12.24 7.32
C PHE B 117 18.62 13.08 6.12
N ILE B 118 19.53 13.94 5.61
CA ILE B 118 19.25 14.78 4.44
C ILE B 118 20.18 14.34 3.27
N PHE B 119 19.61 14.28 2.08
CA PHE B 119 20.30 13.84 0.87
C PHE B 119 20.20 14.94 -0.17
N PRO B 120 21.31 15.60 -0.58
CA PRO B 120 21.25 16.53 -1.71
C PRO B 120 20.76 15.86 -2.98
N PRO B 121 20.35 16.65 -4.00
CA PRO B 121 20.13 16.12 -5.36
C PRO B 121 21.43 15.50 -5.88
N SER B 122 21.28 14.43 -6.65
CA SER B 122 22.39 13.79 -7.33
C SER B 122 22.87 14.70 -8.45
N ASP B 123 24.17 14.62 -8.77
CA ASP B 123 24.72 15.27 -9.95
C ASP B 123 23.93 14.89 -11.21
N GLU B 124 23.66 13.59 -11.36
CA GLU B 124 22.93 13.11 -12.53
C GLU B 124 21.62 13.88 -12.68
N GLN B 125 20.84 14.04 -11.60
CA GLN B 125 19.56 14.68 -11.76
C GLN B 125 19.70 16.16 -12.12
N LEU B 126 20.66 16.85 -11.50
CA LEU B 126 20.78 18.28 -11.75
C LEU B 126 21.04 18.55 -13.24
N LYS B 127 21.79 17.64 -13.87
CA LYS B 127 22.03 17.66 -15.31
C LYS B 127 20.75 18.03 -16.07
N SER B 128 19.62 17.47 -15.65
CA SER B 128 18.41 17.51 -16.46
C SER B 128 17.37 18.53 -15.97
N GLY B 129 17.76 19.51 -15.15
CA GLY B 129 16.93 20.69 -14.98
C GLY B 129 16.15 20.76 -13.66
N THR B 130 16.22 19.69 -12.85
CA THR B 130 15.42 19.63 -11.62
C THR B 130 16.27 19.14 -10.46
N ALA B 131 15.86 19.55 -9.23
CA ALA B 131 16.55 19.19 -8.00
C ALA B 131 15.53 18.63 -7.00
N SER B 132 15.71 17.37 -6.63
CA SER B 132 14.96 16.74 -5.55
C SER B 132 15.91 16.60 -4.37
N VAL B 133 15.49 17.19 -3.23
CA VAL B 133 16.21 17.08 -1.97
C VAL B 133 15.36 16.17 -1.06
N VAL B 134 15.97 15.15 -0.47
CA VAL B 134 15.21 14.16 0.27
C VAL B 134 15.60 14.25 1.74
N CYS B 135 14.60 14.26 2.61
CA CYS B 135 14.78 14.17 4.05
C CYS B 135 14.14 12.88 4.54
N LEU B 136 14.92 12.02 5.19
CA LEU B 136 14.44 10.72 5.66
C LEU B 136 14.30 10.78 7.16
N LEU B 137 13.11 10.42 7.65
CA LEU B 137 12.90 10.22 9.08
C LEU B 137 12.76 8.73 9.31
N ASN B 138 13.70 8.15 10.04
CA ASN B 138 13.76 6.71 10.17
C ASN B 138 13.38 6.24 11.58
N ASN B 139 12.46 5.28 11.56
CA ASN B 139 12.09 4.41 12.66
C ASN B 139 11.62 5.18 13.91
N PHE B 140 10.40 5.69 13.82
CA PHE B 140 9.83 6.49 14.88
C PHE B 140 8.37 6.11 15.16
N TYR B 141 7.86 6.65 16.26
CA TYR B 141 6.48 6.46 16.66
C TYR B 141 6.14 7.53 17.66
N PRO B 142 4.99 8.23 17.62
CA PRO B 142 3.88 7.94 16.70
C PRO B 142 4.11 8.42 15.28
N ARG B 143 3.13 8.14 14.42
CA ARG B 143 3.22 8.40 12.99
C ARG B 143 3.28 9.92 12.73
N GLU B 144 2.62 10.70 13.57
CA GLU B 144 2.52 12.14 13.37
C GLU B 144 3.90 12.79 13.54
N ALA B 145 4.31 13.56 12.55
CA ALA B 145 5.56 14.28 12.56
C ALA B 145 5.39 15.50 11.68
N LYS B 146 6.17 16.52 11.99
CA LYS B 146 6.14 17.71 11.16
C LYS B 146 7.53 17.90 10.55
N VAL B 147 7.57 17.99 9.22
CA VAL B 147 8.78 18.30 8.50
C VAL B 147 8.66 19.68 7.90
N GLN B 148 9.59 20.57 8.22
CA GLN B 148 9.61 21.88 7.61
C GLN B 148 10.92 22.03 6.85
N TRP B 149 10.79 22.34 5.55
CA TRP B 149 11.93 22.69 4.74
C TRP B 149 12.26 24.18 4.86
N LYS B 150 13.54 24.49 5.00
CA LYS B 150 14.02 25.86 4.98
C LYS B 150 15.12 26.00 3.95
N VAL B 151 15.03 27.07 3.17
CA VAL B 151 16.05 27.35 2.18
C VAL B 151 16.60 28.73 2.49
N ASP B 152 17.89 28.78 2.83
CA ASP B 152 18.50 30.00 3.36
C ASP B 152 17.62 30.61 4.45
N ASN B 153 17.10 29.73 5.31
CA ASN B 153 16.31 30.03 6.48
C ASN B 153 14.91 30.52 6.13
N ALA B 154 14.47 30.47 4.88
CA ALA B 154 13.12 30.84 4.54
C ALA B 154 12.24 29.59 4.51
N LEU B 155 11.11 29.65 5.22
CA LEU B 155 10.18 28.53 5.30
C LEU B 155 9.59 28.27 3.93
N GLN B 156 9.59 27.02 3.50
CA GLN B 156 9.03 26.58 2.23
C GLN B 156 7.60 26.11 2.44
N SER B 157 6.78 26.28 1.43
CA SER B 157 5.46 25.68 1.41
C SER B 157 5.06 25.40 -0.03
N GLY B 158 4.35 24.29 -0.20
CA GLY B 158 3.76 23.92 -1.48
C GLY B 158 4.69 23.17 -2.43
N ASN B 159 5.97 22.97 -2.07
CA ASN B 159 6.92 22.38 -2.99
C ASN B 159 7.55 21.11 -2.40
N SER B 160 6.83 20.51 -1.43
CA SER B 160 7.22 19.21 -0.90
C SER B 160 6.07 18.19 -0.85
N GLN B 161 6.46 16.93 -0.85
CA GLN B 161 5.53 15.84 -0.64
C GLN B 161 6.15 14.80 0.27
N GLU B 162 5.28 14.12 1.05
CA GLU B 162 5.69 13.14 2.04
C GLU B 162 4.99 11.81 1.79
N SER B 163 5.66 10.75 2.20
CA SER B 163 5.15 9.40 2.13
C SER B 163 5.62 8.68 3.41
N VAL B 164 4.81 7.74 3.92
CA VAL B 164 5.08 7.01 5.15
C VAL B 164 4.99 5.51 4.90
N THR B 165 5.93 4.75 5.41
CA THR B 165 5.91 3.30 5.31
C THR B 165 4.81 2.70 6.19
N GLU B 166 4.50 1.44 5.88
CA GLU B 166 3.66 0.68 6.79
C GLU B 166 4.42 0.48 8.10
N GLN B 167 3.67 0.28 9.18
CA GLN B 167 4.26 -0.05 10.47
C GLN B 167 5.17 -1.29 10.38
N ASP B 168 6.30 -1.24 11.07
CA ASP B 168 7.21 -2.38 11.19
C ASP B 168 6.49 -3.47 11.98
N SER B 169 6.54 -4.71 11.49
CA SER B 169 5.79 -5.77 12.12
C SER B 169 6.42 -6.26 13.41
N LYS B 170 7.68 -5.87 13.71
CA LYS B 170 8.32 -6.32 14.92
C LYS B 170 8.42 -5.19 15.95
N ASP B 171 8.80 -3.97 15.52
CA ASP B 171 9.06 -2.93 16.50
C ASP B 171 8.06 -1.79 16.41
N SER B 172 7.07 -1.87 15.51
CA SER B 172 5.92 -0.98 15.46
C SER B 172 6.24 0.47 15.10
N THR B 173 7.44 0.71 14.55
CA THR B 173 7.79 2.05 14.09
C THR B 173 7.36 2.30 12.65
N TYR B 174 7.41 3.57 12.29
CA TYR B 174 7.24 4.07 10.95
C TYR B 174 8.54 4.74 10.44
N SER B 175 8.64 4.92 9.12
CA SER B 175 9.60 5.83 8.50
C SER B 175 8.88 6.72 7.50
N LEU B 176 9.45 7.89 7.23
CA LEU B 176 8.83 8.92 6.42
C LEU B 176 9.89 9.53 5.52
N SER B 177 9.52 9.77 4.26
CA SER B 177 10.37 10.47 3.31
CA SER B 177 10.36 10.46 3.31
C SER B 177 9.70 11.79 2.98
N SER B 178 10.46 12.91 2.98
CA SER B 178 9.93 14.17 2.48
C SER B 178 10.86 14.60 1.34
N THR B 179 10.26 14.95 0.20
CA THR B 179 11.02 15.38 -0.96
C THR B 179 10.62 16.82 -1.30
N LEU B 180 11.60 17.72 -1.30
CA LEU B 180 11.50 19.10 -1.76
C LEU B 180 11.94 19.12 -3.22
N THR B 181 11.10 19.67 -4.11
CA THR B 181 11.42 19.71 -5.52
C THR B 181 11.51 21.16 -5.98
N LEU B 182 12.66 21.50 -6.59
CA LEU B 182 12.86 22.82 -7.15
C LEU B 182 13.42 22.68 -8.56
N SER B 183 13.23 23.74 -9.37
CA SER B 183 14.03 23.85 -10.59
C SER B 183 15.51 23.98 -10.23
N LYS B 184 16.35 23.56 -11.16
CA LYS B 184 17.78 23.76 -11.02
C LYS B 184 18.07 25.26 -10.88
N ALA B 185 17.34 26.11 -11.61
CA ALA B 185 17.62 27.54 -11.53
C ALA B 185 17.41 28.04 -10.10
N ASP B 186 16.33 27.58 -9.46
CA ASP B 186 15.98 28.07 -8.14
C ASP B 186 16.97 27.49 -7.13
N TYR B 187 17.27 26.20 -7.31
CA TYR B 187 18.23 25.48 -6.47
C TYR B 187 19.55 26.25 -6.42
N GLU B 188 20.01 26.76 -7.57
CA GLU B 188 21.34 27.34 -7.62
C GLU B 188 21.39 28.79 -7.12
N LYS B 189 20.22 29.37 -6.81
CA LYS B 189 20.16 30.70 -6.23
C LYS B 189 20.28 30.68 -4.70
N HIS B 190 20.40 29.48 -4.09
CA HIS B 190 20.40 29.39 -2.63
C HIS B 190 21.54 28.49 -2.14
N LYS B 191 21.94 28.69 -0.88
CA LYS B 191 23.07 27.95 -0.35
C LYS B 191 22.66 26.86 0.66
N VAL B 192 21.87 27.23 1.66
CA VAL B 192 21.59 26.34 2.78
C VAL B 192 20.25 25.64 2.61
N TYR B 193 20.28 24.31 2.62
CA TYR B 193 19.08 23.49 2.50
C TYR B 193 18.92 22.71 3.81
N ALA B 194 17.78 22.87 4.45
CA ALA B 194 17.57 22.32 5.79
C ALA B 194 16.21 21.67 5.90
N CYS B 195 16.19 20.54 6.63
CA CYS B 195 14.97 19.83 6.99
CA CYS B 195 14.89 20.01 7.00
C CYS B 195 14.83 19.92 8.52
N GLU B 196 13.76 20.54 9.05
CA GLU B 196 13.55 20.65 10.49
C GLU B 196 12.39 19.75 10.88
N VAL B 197 12.68 18.86 11.83
CA VAL B 197 11.76 17.84 12.25
C VAL B 197 11.29 18.04 13.69
N THR B 198 9.96 18.07 13.85
CA THR B 198 9.27 18.19 15.13
C THR B 198 8.51 16.89 15.34
N HIS B 199 8.68 16.29 16.53
CA HIS B 199 8.10 14.99 16.82
C HIS B 199 8.04 14.82 18.32
N GLN B 200 7.03 14.09 18.79
CA GLN B 200 6.81 13.91 20.22
C GLN B 200 8.02 13.30 20.92
N GLY B 201 8.83 12.50 20.22
CA GLY B 201 9.96 11.82 20.82
C GLY B 201 11.18 12.72 20.92
N LEU B 202 11.14 13.87 20.23
CA LEU B 202 12.30 14.77 20.25
C LEU B 202 12.01 15.85 21.29
N SER B 203 12.89 16.00 22.26
CA SER B 203 12.73 17.00 23.31
C SER B 203 12.75 18.39 22.72
N SER B 204 13.51 18.54 21.61
CA SER B 204 13.56 19.76 20.82
C SER B 204 13.69 19.34 19.36
N PRO B 205 13.18 20.16 18.45
CA PRO B 205 13.23 19.83 17.03
C PRO B 205 14.66 19.63 16.54
N VAL B 206 14.82 18.77 15.53
CA VAL B 206 16.12 18.44 15.01
C VAL B 206 16.18 18.98 13.57
N THR B 207 17.27 19.70 13.22
CA THR B 207 17.44 20.22 11.89
C THR B 207 18.68 19.58 11.29
N LYS B 208 18.51 19.03 10.10
CA LYS B 208 19.62 18.54 9.30
C LYS B 208 19.74 19.40 8.06
N SER B 209 20.98 19.77 7.71
CA SER B 209 21.17 20.70 6.61
C SER B 209 22.47 20.39 5.85
N PHE B 210 22.56 21.00 4.65
CA PHE B 210 23.81 20.99 3.91
C PHE B 210 23.91 22.30 3.15
N ASN B 211 25.15 22.57 2.69
CA ASN B 211 25.36 23.71 1.84
C ASN B 211 25.54 23.19 0.41
N ARG B 212 24.83 23.80 -0.53
CA ARG B 212 24.85 23.31 -1.89
C ARG B 212 26.28 23.31 -2.44
N GLY B 213 26.65 22.21 -3.09
CA GLY B 213 27.90 22.06 -3.81
C GLY B 213 29.11 21.72 -2.94
N GLU B 214 28.95 21.20 -1.70
CA GLU B 214 30.12 21.01 -0.83
C GLU B 214 30.57 19.54 -0.76
#